data_9MYQ
#
_entry.id   9MYQ
#
_entity_poly.entity_id   1
_entity_poly.type   'polypeptide(L)'
_entity_poly.pdbx_seq_one_letter_code
;KFVIFLDVKHFSPEDLTVK
;
_entity_poly.pdbx_strand_id   A
#
# COMPACT_ATOMS: atom_id res chain seq x y z
N LYS A 1 5.43 2.02 -11.74
CA LYS A 1 5.19 2.99 -12.82
C LYS A 1 3.81 2.78 -13.45
N PHE A 2 3.56 3.47 -14.56
CA PHE A 2 2.29 3.37 -15.26
C PHE A 2 1.14 3.84 -14.38
N VAL A 3 0.62 2.93 -13.55
CA VAL A 3 -0.48 3.25 -12.65
C VAL A 3 -0.20 2.77 -11.23
N ILE A 4 -0.59 3.58 -10.25
CA ILE A 4 -0.37 3.23 -8.85
C ILE A 4 -1.44 3.86 -7.96
N PHE A 5 -2.40 4.54 -8.57
CA PHE A 5 -3.47 5.19 -7.82
C PHE A 5 -4.58 4.20 -7.49
N LEU A 6 -4.99 3.42 -8.48
CA LEU A 6 -6.05 2.43 -8.30
C LEU A 6 -5.62 1.37 -7.29
N ASP A 7 -6.07 1.53 -6.04
CA ASP A 7 -5.74 0.58 -4.99
C ASP A 7 -6.99 0.02 -4.33
N VAL A 8 -6.84 -1.08 -3.61
CA VAL A 8 -7.97 -1.72 -2.94
C VAL A 8 -7.61 -2.10 -1.51
N LYS A 9 -8.60 -2.56 -0.75
CA LYS A 9 -8.39 -2.97 0.65
C LYS A 9 -7.96 -1.78 1.50
N HIS A 10 -8.13 -1.93 2.82
CA HIS A 10 -7.77 -0.87 3.76
C HIS A 10 -6.55 -1.26 4.58
N PHE A 11 -5.75 -2.17 4.04
CA PHE A 11 -4.55 -2.63 4.73
C PHE A 11 -3.64 -3.40 3.76
N SER A 12 -2.67 -2.69 3.19
CA SER A 12 -1.73 -3.30 2.23
C SER A 12 -0.31 -2.85 2.52
N PRO A 13 0.56 -3.77 2.99
CA PRO A 13 1.96 -3.45 3.31
C PRO A 13 2.75 -3.06 2.06
N GLU A 14 2.16 -3.28 0.89
CA GLU A 14 2.81 -2.95 -0.38
C GLU A 14 2.59 -1.49 -0.75
N ASP A 15 3.69 -0.78 -1.01
CA ASP A 15 3.63 0.63 -1.38
C ASP A 15 4.76 0.99 -2.33
N LEU A 16 5.72 0.09 -2.48
CA LEU A 16 6.86 0.31 -3.37
C LEU A 16 6.60 -0.26 -4.75
N THR A 17 5.32 -0.41 -5.10
CA THR A 17 4.94 -0.96 -6.40
C THR A 17 5.54 -0.14 -7.53
N VAL A 18 6.25 -0.81 -8.44
CA VAL A 18 6.87 -0.15 -9.57
C VAL A 18 6.99 -1.09 -10.77
N LYS A 19 6.97 -2.38 -10.50
CA LYS A 19 7.08 -3.39 -11.55
C LYS A 19 8.36 -3.21 -12.35
N LYS A 1 -2.11 -4.42 -5.66
CA LYS A 1 -1.90 -5.87 -5.90
C LYS A 1 -3.08 -6.68 -5.37
N PHE A 2 -3.82 -6.10 -4.44
CA PHE A 2 -4.97 -6.76 -3.85
C PHE A 2 -6.20 -5.85 -3.85
N VAL A 3 -7.13 -6.14 -4.75
CA VAL A 3 -8.36 -5.34 -4.85
C VAL A 3 -9.59 -6.25 -4.90
N ILE A 4 -9.41 -7.44 -5.46
CA ILE A 4 -10.50 -8.40 -5.56
C ILE A 4 -10.12 -9.72 -4.90
N PHE A 5 -8.94 -9.76 -4.30
CA PHE A 5 -8.45 -10.95 -3.62
C PHE A 5 -8.73 -10.88 -2.12
N LEU A 6 -9.21 -11.99 -1.56
CA LEU A 6 -9.52 -12.05 -0.13
C LEU A 6 -8.31 -12.55 0.66
N ASP A 7 -7.69 -11.64 1.42
CA ASP A 7 -6.53 -11.99 2.22
C ASP A 7 -6.79 -11.73 3.71
N VAL A 8 -6.08 -12.47 4.56
CA VAL A 8 -6.23 -12.33 6.01
C VAL A 8 -4.89 -12.03 6.66
N LYS A 9 -3.80 -12.38 5.97
CA LYS A 9 -2.46 -12.15 6.49
C LYS A 9 -2.20 -10.66 6.71
N HIS A 10 -2.08 -9.91 5.62
CA HIS A 10 -1.84 -8.48 5.69
C HIS A 10 -3.02 -7.69 5.15
N PHE A 11 -2.92 -6.36 5.21
CA PHE A 11 -4.00 -5.49 4.72
C PHE A 11 -3.54 -4.69 3.52
N SER A 12 -2.35 -4.09 3.62
CA SER A 12 -1.80 -3.28 2.53
C SER A 12 -0.38 -2.82 2.86
N PRO A 13 0.57 -3.77 3.00
CA PRO A 13 1.96 -3.45 3.31
C PRO A 13 2.75 -3.06 2.06
N GLU A 14 2.14 -3.26 0.90
CA GLU A 14 2.79 -2.95 -0.37
C GLU A 14 3.09 -1.45 -0.48
N ASP A 15 2.27 -0.63 0.20
CA ASP A 15 2.45 0.82 0.17
C ASP A 15 2.40 1.36 -1.25
N LEU A 16 1.24 1.92 -1.62
CA LEU A 16 1.06 2.48 -2.95
C LEU A 16 1.27 1.41 -4.02
N THR A 17 1.33 1.85 -5.28
CA THR A 17 1.53 0.93 -6.40
C THR A 17 0.44 -0.13 -6.44
N VAL A 18 -0.74 0.26 -6.91
CA VAL A 18 -1.86 -0.65 -7.00
C VAL A 18 -2.74 -0.34 -8.23
N LYS A 19 -2.92 -1.34 -9.08
CA LYS A 19 -3.73 -1.17 -10.29
C LYS A 19 -4.77 -2.28 -10.38
N LYS A 1 2.56 8.34 4.57
CA LYS A 1 1.58 9.44 4.76
C LYS A 1 0.76 9.23 6.03
N PHE A 2 -0.05 8.17 6.05
CA PHE A 2 -0.88 7.86 7.21
C PHE A 2 -0.88 6.36 7.49
N VAL A 3 -0.15 5.96 8.53
CA VAL A 3 -0.08 4.56 8.92
C VAL A 3 -0.26 4.40 10.43
N ILE A 4 0.22 5.39 11.18
CA ILE A 4 0.12 5.36 12.63
C ILE A 4 -0.98 6.30 13.12
N PHE A 5 -1.31 7.29 12.29
CA PHE A 5 -2.35 8.26 12.64
C PHE A 5 -3.67 7.56 12.97
N LEU A 6 -4.42 8.12 13.91
CA LEU A 6 -5.70 7.55 14.33
C LEU A 6 -6.82 8.03 13.43
N ASP A 7 -7.15 7.22 12.43
CA ASP A 7 -8.22 7.56 11.49
C ASP A 7 -8.72 6.32 10.77
N VAL A 8 -7.87 5.72 9.94
CA VAL A 8 -8.23 4.52 9.20
C VAL A 8 -7.02 3.58 9.06
N LYS A 9 -7.25 2.42 8.45
CA LYS A 9 -6.17 1.46 8.25
C LYS A 9 -6.53 0.45 7.16
N HIS A 10 -5.51 -0.06 6.48
CA HIS A 10 -5.71 -1.04 5.42
C HIS A 10 -4.61 -2.09 5.43
N PHE A 11 -4.98 -3.32 5.11
CA PHE A 11 -4.01 -4.42 5.08
C PHE A 11 -3.27 -4.45 3.75
N SER A 12 -2.51 -3.40 3.49
CA SER A 12 -1.74 -3.31 2.25
C SER A 12 -0.31 -2.85 2.53
N PRO A 13 0.56 -3.77 2.99
CA PRO A 13 1.96 -3.45 3.31
C PRO A 13 2.75 -3.06 2.06
N GLU A 14 2.14 -3.22 0.89
CA GLU A 14 2.79 -2.90 -0.37
C GLU A 14 2.90 -1.39 -0.55
N ASP A 15 3.68 -0.98 -1.55
CA ASP A 15 3.89 0.43 -1.85
C ASP A 15 4.34 1.21 -0.62
N LEU A 16 5.64 1.42 -0.50
CA LEU A 16 6.21 2.14 0.63
C LEU A 16 5.60 3.54 0.75
N THR A 17 5.63 4.09 1.96
CA THR A 17 5.08 5.41 2.22
C THR A 17 5.99 6.22 3.13
N VAL A 18 5.57 7.45 3.45
CA VAL A 18 6.34 8.33 4.32
C VAL A 18 7.70 8.66 3.72
N LYS A 19 7.89 9.92 3.34
CA LYS A 19 9.14 10.38 2.75
C LYS A 19 10.31 10.13 3.70
N LYS A 1 0.08 4.48 -10.82
CA LYS A 1 0.10 5.67 -11.70
C LYS A 1 -1.15 6.53 -11.50
N PHE A 2 -1.01 7.58 -10.69
CA PHE A 2 -2.12 8.49 -10.40
C PHE A 2 -3.31 7.73 -9.83
N VAL A 3 -3.37 7.64 -8.50
CA VAL A 3 -4.45 6.94 -7.82
C VAL A 3 -5.47 7.92 -7.25
N ILE A 4 -6.62 7.41 -6.85
CA ILE A 4 -7.69 8.24 -6.29
C ILE A 4 -8.30 7.59 -5.06
N PHE A 5 -7.92 6.34 -4.81
CA PHE A 5 -8.43 5.59 -3.65
C PHE A 5 -7.31 4.81 -2.98
N LEU A 6 -7.67 4.07 -1.93
CA LEU A 6 -6.69 3.27 -1.19
C LEU A 6 -5.55 4.13 -0.67
N ASP A 7 -5.76 4.73 0.50
CA ASP A 7 -4.75 5.58 1.13
C ASP A 7 -4.44 5.12 2.54
N VAL A 8 -4.79 3.87 2.84
CA VAL A 8 -4.55 3.30 4.17
C VAL A 8 -3.29 2.45 4.18
N LYS A 9 -3.06 1.73 5.28
CA LYS A 9 -1.89 0.89 5.41
C LYS A 9 -2.27 -0.51 5.88
N HIS A 10 -3.46 -0.63 6.47
CA HIS A 10 -3.95 -1.91 6.95
C HIS A 10 -4.25 -2.85 5.79
N PHE A 11 -3.81 -4.11 5.92
CA PHE A 11 -4.04 -5.11 4.87
C PHE A 11 -3.44 -4.66 3.54
N SER A 12 -2.43 -3.79 3.61
CA SER A 12 -1.78 -3.29 2.41
C SER A 12 -0.35 -2.82 2.72
N PRO A 13 0.56 -3.77 2.99
CA PRO A 13 1.96 -3.45 3.31
C PRO A 13 2.75 -3.06 2.06
N GLU A 14 2.25 -3.46 0.90
CA GLU A 14 2.90 -3.16 -0.37
C GLU A 14 2.98 -1.65 -0.60
N ASP A 15 4.14 -1.19 -1.07
CA ASP A 15 4.34 0.23 -1.33
C ASP A 15 3.45 0.71 -2.47
N LEU A 16 2.98 1.95 -2.36
CA LEU A 16 2.12 2.53 -3.38
C LEU A 16 2.94 3.12 -4.53
N THR A 17 2.82 2.50 -5.70
CA THR A 17 3.55 2.96 -6.88
C THR A 17 2.76 4.03 -7.62
N VAL A 18 2.69 5.22 -7.03
CA VAL A 18 1.96 6.33 -7.63
C VAL A 18 2.81 7.59 -7.63
N LYS A 19 3.65 7.73 -6.62
CA LYS A 19 4.52 8.90 -6.49
C LYS A 19 5.76 8.76 -7.38
N LYS A 1 -3.17 6.31 3.39
CA LYS A 1 -2.12 7.05 2.65
C LYS A 1 -2.69 8.33 2.04
N PHE A 2 -3.73 8.86 2.68
CA PHE A 2 -4.37 10.09 2.21
C PHE A 2 -4.94 9.91 0.81
N VAL A 3 -5.40 11.02 0.22
CA VAL A 3 -5.97 11.01 -1.12
C VAL A 3 -7.21 10.11 -1.19
N ILE A 4 -6.99 8.82 -1.46
CA ILE A 4 -8.07 7.84 -1.55
C ILE A 4 -8.83 8.02 -2.85
N PHE A 5 -8.22 7.53 -3.92
CA PHE A 5 -8.80 7.63 -5.25
C PHE A 5 -9.45 6.31 -5.66
N LEU A 6 -9.42 5.34 -4.76
CA LEU A 6 -10.01 4.03 -5.02
C LEU A 6 -10.39 3.34 -3.71
N ASP A 7 -9.95 3.92 -2.60
CA ASP A 7 -10.25 3.37 -1.28
C ASP A 7 -9.78 1.92 -1.19
N VAL A 8 -8.49 1.73 -0.97
CA VAL A 8 -7.91 0.40 -0.87
C VAL A 8 -8.40 -0.31 0.39
N LYS A 9 -8.02 -1.57 0.54
CA LYS A 9 -8.43 -2.36 1.70
C LYS A 9 -7.64 -1.94 2.94
N HIS A 10 -7.87 -2.64 4.05
CA HIS A 10 -7.18 -2.34 5.29
C HIS A 10 -5.72 -2.80 5.23
N PHE A 11 -5.53 -4.10 5.11
CA PHE A 11 -4.18 -4.68 5.04
C PHE A 11 -3.55 -4.42 3.68
N SER A 12 -2.49 -3.62 3.67
CA SER A 12 -1.78 -3.28 2.44
C SER A 12 -0.36 -2.82 2.73
N PRO A 13 0.56 -3.77 3.00
CA PRO A 13 1.96 -3.45 3.31
C PRO A 13 2.75 -3.06 2.06
N GLU A 14 2.06 -2.83 0.96
CA GLU A 14 2.70 -2.45 -0.29
C GLU A 14 3.45 -1.13 -0.15
N ASP A 15 2.74 -0.10 0.31
CA ASP A 15 3.34 1.21 0.50
C ASP A 15 3.96 1.33 1.88
N LEU A 16 4.62 2.46 2.15
CA LEU A 16 5.27 2.69 3.43
C LEU A 16 4.24 2.70 4.57
N THR A 17 3.40 3.74 4.60
CA THR A 17 2.39 3.86 5.63
C THR A 17 1.02 4.17 5.03
N VAL A 18 -0.01 3.47 5.50
CA VAL A 18 -1.36 3.67 5.02
C VAL A 18 -2.22 4.39 6.04
N LYS A 19 -1.70 4.53 7.27
CA LYS A 19 -2.42 5.20 8.34
C LYS A 19 -2.47 6.71 8.11
N LYS A 1 6.94 8.16 -0.06
CA LYS A 1 6.97 9.51 -0.66
C LYS A 1 6.12 10.49 0.14
N PHE A 2 6.64 11.71 0.32
CA PHE A 2 5.93 12.75 1.07
C PHE A 2 5.74 12.32 2.53
N VAL A 3 4.70 11.55 2.79
CA VAL A 3 4.40 11.09 4.14
C VAL A 3 5.49 10.14 4.64
N ILE A 4 5.56 9.96 5.96
CA ILE A 4 6.55 9.09 6.56
C ILE A 4 5.95 8.30 7.74
N PHE A 5 4.63 8.34 7.84
CA PHE A 5 3.93 7.64 8.92
C PHE A 5 2.49 7.33 8.53
N LEU A 6 2.27 6.11 8.03
CA LEU A 6 0.94 5.69 7.62
C LEU A 6 0.25 4.91 8.73
N ASP A 7 0.77 5.04 9.95
CA ASP A 7 0.21 4.34 11.11
C ASP A 7 0.22 2.84 10.88
N VAL A 8 1.33 2.33 10.36
CA VAL A 8 1.48 0.90 10.09
C VAL A 8 0.49 0.44 9.02
N LYS A 9 -0.74 0.17 9.44
CA LYS A 9 -1.79 -0.28 8.54
C LYS A 9 -1.46 -1.63 7.92
N HIS A 10 -2.34 -2.61 8.13
CA HIS A 10 -2.13 -3.94 7.60
C HIS A 10 -3.02 -4.21 6.38
N PHE A 11 -3.62 -3.14 5.87
CA PHE A 11 -4.50 -3.25 4.70
C PHE A 11 -3.70 -3.67 3.47
N SER A 12 -2.55 -3.03 3.25
CA SER A 12 -1.70 -3.34 2.12
C SER A 12 -0.26 -2.90 2.39
N PRO A 13 0.56 -3.77 2.99
CA PRO A 13 1.96 -3.45 3.31
C PRO A 13 2.75 -3.06 2.06
N GLU A 14 2.42 -3.68 0.94
CA GLU A 14 3.09 -3.40 -0.32
C GLU A 14 2.11 -2.84 -1.35
N ASP A 15 2.20 -1.54 -1.57
CA ASP A 15 1.33 -0.85 -2.52
C ASP A 15 1.66 0.63 -2.58
N LEU A 16 1.67 1.29 -1.42
CA LEU A 16 1.97 2.71 -1.33
C LEU A 16 3.38 2.99 -1.83
N THR A 17 4.32 2.13 -1.42
CA THR A 17 5.71 2.27 -1.81
C THR A 17 6.28 3.63 -1.39
N VAL A 18 6.87 3.67 -0.22
CA VAL A 18 7.46 4.91 0.30
C VAL A 18 8.82 5.17 -0.31
N LYS A 19 9.79 4.33 0.04
CA LYS A 19 11.16 4.46 -0.47
C LYS A 19 11.73 5.84 -0.19
N LYS A 1 7.81 -4.03 -8.16
CA LYS A 1 9.08 -4.78 -8.34
C LYS A 1 8.84 -6.14 -9.00
N PHE A 2 9.83 -6.62 -9.74
CA PHE A 2 9.73 -7.90 -10.42
C PHE A 2 10.79 -8.88 -9.91
N VAL A 3 10.97 -8.90 -8.59
CA VAL A 3 11.95 -9.78 -7.97
C VAL A 3 11.54 -11.24 -8.10
N ILE A 4 12.40 -12.13 -7.62
CA ILE A 4 12.14 -13.57 -7.68
C ILE A 4 12.63 -14.27 -6.41
N PHE A 5 12.28 -13.71 -5.25
CA PHE A 5 12.68 -14.29 -3.97
C PHE A 5 11.50 -14.30 -3.00
N LEU A 6 11.11 -13.11 -2.55
CA LEU A 6 9.99 -12.98 -1.62
C LEU A 6 8.77 -12.40 -2.31
N ASP A 7 7.72 -13.20 -2.40
CA ASP A 7 6.48 -12.77 -3.05
C ASP A 7 5.65 -11.91 -2.10
N VAL A 8 5.01 -12.55 -1.12
CA VAL A 8 4.18 -11.84 -0.15
C VAL A 8 3.03 -11.10 -0.83
N LYS A 9 1.81 -11.60 -0.62
CA LYS A 9 0.63 -10.99 -1.21
C LYS A 9 0.52 -9.52 -0.83
N HIS A 10 0.41 -8.66 -1.84
CA HIS A 10 0.30 -7.22 -1.60
C HIS A 10 -1.16 -6.78 -1.55
N PHE A 11 -1.53 -6.10 -0.48
CA PHE A 11 -2.90 -5.62 -0.31
C PHE A 11 -2.98 -4.56 0.79
N SER A 12 -1.85 -4.23 1.38
CA SER A 12 -1.80 -3.24 2.45
C SER A 12 -0.37 -2.81 2.76
N PRO A 13 0.56 -3.77 3.00
CA PRO A 13 1.96 -3.45 3.31
C PRO A 13 2.75 -3.06 2.06
N GLU A 14 2.07 -2.52 1.06
CA GLU A 14 2.71 -2.11 -0.17
C GLU A 14 3.69 -0.97 0.07
N ASP A 15 4.97 -1.30 0.08
CA ASP A 15 6.02 -0.32 0.30
C ASP A 15 7.29 -0.69 -0.48
N LEU A 16 8.40 -0.06 -0.11
CA LEU A 16 9.68 -0.31 -0.76
C LEU A 16 9.64 0.05 -2.24
N THR A 17 8.63 0.85 -2.62
CA THR A 17 8.46 1.28 -4.01
C THR A 17 8.16 0.10 -4.92
N VAL A 18 7.44 0.37 -6.01
CA VAL A 18 7.10 -0.67 -6.97
C VAL A 18 7.48 -0.25 -8.39
N LYS A 19 7.59 1.05 -8.62
CA LYS A 19 7.95 1.58 -9.93
C LYS A 19 9.33 1.07 -10.35
#